data_2P02
#
_entry.id   2P02
#
_cell.length_a   68.301
_cell.length_b   94.106
_cell.length_c   117.383
_cell.angle_alpha   90.00
_cell.angle_beta   90.00
_cell.angle_gamma   90.00
#
_symmetry.space_group_name_H-M   'I 2 2 2'
#
loop_
_entity.id
_entity.type
_entity.pdbx_description
1 polymer 'S-adenosylmethionine synthetase isoform type-2'
2 non-polymer 'CHLORIDE ION'
3 non-polymer S-ADENOSYLMETHIONINE
4 water water
#
_entity_poly.entity_id   1
_entity_poly.type   'polypeptide(L)'
_entity_poly.pdbx_seq_one_letter_code
;SMNGQLNGFHEAFIEEGTFLFTSESVGEGHPDKICDQISDAVLDAHLQQDPDAKVACETVAKTGMILLAGEITSRAAVDY
QKVVREAVKHIGYDDSSKGFDYKTCNVLVALEQQSPDIAQGVHLDRNEEDIGAGDQGLMFGYATDETEECMPLTIVLAHK
LNAKLAELRRNGTLPWLRPDSKTQVTVQYMQDRGAVLPIRVHTIVISVQHDEEVCLDEMRDALKEKVIKAVVPAKYLDED
TIYHLQPSGRFVIGGPQGDAGLTGRKIIVDTYGGWGAHGGGAFSGKDYTKVDRSAAYAARWVAKSLVKGGLCRRVLVQVS
YAIGVSHPLSISIFHYGTSQKSERELLEIVKKNFDLRPGVIVRDLDLKKPIYQRTAAYGHFGRDSFPWEVPKKLKY
;
_entity_poly.pdbx_strand_id   A
#
# COMPACT_ATOMS: atom_id res chain seq x y z
N GLY A 17 -10.75 -22.74 -19.48
CA GLY A 17 -9.57 -21.89 -19.18
C GLY A 17 -9.88 -20.64 -18.38
N THR A 18 -11.12 -20.51 -17.90
CA THR A 18 -11.47 -19.34 -17.09
C THR A 18 -11.41 -19.62 -15.61
N PHE A 19 -11.21 -18.57 -14.84
CA PHE A 19 -11.17 -18.68 -13.39
C PHE A 19 -11.57 -17.36 -12.78
N LEU A 20 -11.91 -17.39 -11.50
CA LEU A 20 -12.21 -16.19 -10.74
C LEU A 20 -11.00 -15.79 -9.90
N PHE A 21 -10.89 -14.49 -9.65
CA PHE A 21 -9.91 -14.00 -8.65
C PHE A 21 -10.50 -12.80 -7.98
N THR A 22 -10.29 -12.70 -6.68
CA THR A 22 -10.87 -11.66 -5.85
C THR A 22 -9.75 -10.85 -5.16
N SER A 23 -9.91 -9.53 -5.13
CA SER A 23 -9.09 -8.62 -4.33
C SER A 23 -9.95 -7.63 -3.61
N GLU A 24 -9.42 -7.08 -2.50
CA GLU A 24 -10.12 -6.03 -1.76
C GLU A 24 -9.28 -4.77 -1.66
N SER A 25 -9.95 -3.69 -1.27
CA SER A 25 -9.28 -2.44 -0.87
C SER A 25 -10.09 -1.83 0.27
N VAL A 26 -9.51 -0.83 0.92
CA VAL A 26 -10.22 -0.13 1.98
C VAL A 26 -10.02 1.37 1.80
N GLY A 27 -10.89 2.13 2.44
CA GLY A 27 -10.81 3.58 2.36
C GLY A 27 -9.87 4.22 3.34
N GLU A 28 -9.72 5.53 3.18
CA GLU A 28 -8.83 6.33 4.00
C GLU A 28 -9.18 6.30 5.48
N GLY A 29 -10.46 6.14 5.80
CA GLY A 29 -10.91 6.06 7.18
C GLY A 29 -11.11 4.69 7.73
N HIS A 30 -10.73 3.65 6.98
CA HIS A 30 -10.66 2.32 7.56
C HIS A 30 -9.63 2.36 8.69
N PRO A 31 -9.93 1.79 9.86
CA PRO A 31 -9.04 2.04 11.01
CA PRO A 31 -9.06 1.98 11.04
C PRO A 31 -7.59 1.56 10.83
N ASP A 32 -7.35 0.48 10.13
CA ASP A 32 -5.97 0.06 9.85
C ASP A 32 -5.27 1.08 8.94
N LYS A 33 -6.01 1.55 7.93
CA LYS A 33 -5.46 2.57 7.03
C LYS A 33 -5.23 3.90 7.72
N ILE A 34 -6.06 4.27 8.68
CA ILE A 34 -5.79 5.46 9.50
C ILE A 34 -4.40 5.33 10.10
N CYS A 35 -4.11 4.18 10.68
CA CYS A 35 -2.85 3.93 11.32
C CYS A 35 -1.68 4.01 10.33
N ASP A 36 -1.82 3.39 9.17
CA ASP A 36 -0.77 3.49 8.17
C ASP A 36 -0.49 4.95 7.79
N GLN A 37 -1.54 5.73 7.58
CA GLN A 37 -1.39 7.12 7.21
C GLN A 37 -0.75 7.96 8.31
N ILE A 38 -1.13 7.72 9.57
CA ILE A 38 -0.51 8.43 10.67
C ILE A 38 0.98 8.05 10.80
N SER A 39 1.28 6.76 10.71
CA SER A 39 2.66 6.31 10.76
C SER A 39 3.52 7.00 9.70
N ASP A 40 2.97 7.12 8.49
CA ASP A 40 3.71 7.79 7.41
C ASP A 40 3.70 9.31 7.52
N ALA A 41 2.68 9.92 8.14
CA ALA A 41 2.71 11.33 8.46
C ALA A 41 3.85 11.62 9.44
N VAL A 42 4.05 10.76 10.42
CA VAL A 42 5.14 10.87 11.37
C VAL A 42 6.48 10.72 10.69
N LEU A 43 6.62 9.69 9.83
CA LEU A 43 7.83 9.52 9.05
C LEU A 43 8.15 10.78 8.23
N ASP A 44 7.17 11.27 7.48
CA ASP A 44 7.39 12.45 6.66
C ASP A 44 7.78 13.67 7.48
N ALA A 45 7.16 13.85 8.65
CA ALA A 45 7.49 14.98 9.52
C ALA A 45 8.95 14.92 9.94
N HIS A 46 9.42 13.73 10.29
CA HIS A 46 10.84 13.57 10.61
C HIS A 46 11.73 13.85 9.42
N LEU A 47 11.43 13.27 8.27
CA LEU A 47 12.26 13.42 7.09
C LEU A 47 12.35 14.84 6.57
N GLN A 48 11.33 15.64 6.81
CA GLN A 48 11.33 17.05 6.41
C GLN A 48 12.47 17.80 7.10
N GLN A 49 12.79 17.42 8.33
CA GLN A 49 13.86 18.03 9.11
C GLN A 49 15.16 17.27 9.11
N ASP A 50 15.13 15.95 9.04
CA ASP A 50 16.29 15.10 9.13
C ASP A 50 16.14 13.98 8.10
N PRO A 51 16.72 14.16 6.90
CA PRO A 51 16.61 13.13 5.86
C PRO A 51 17.12 11.76 6.27
N ASP A 52 17.97 11.70 7.30
CA ASP A 52 18.54 10.45 7.78
C ASP A 52 17.88 9.94 9.04
N ALA A 53 16.68 10.43 9.36
CA ALA A 53 15.93 9.92 10.52
C ALA A 53 15.77 8.41 10.43
N LYS A 54 15.92 7.74 11.57
CA LYS A 54 15.64 6.32 11.70
C LYS A 54 14.29 6.21 12.38
N VAL A 55 13.32 5.68 11.65
CA VAL A 55 11.92 5.71 12.07
C VAL A 55 11.32 4.33 11.95
N ALA A 56 10.63 3.93 13.02
CA ALA A 56 9.90 2.66 13.11
C ALA A 56 8.67 2.96 13.97
N CYS A 57 7.69 3.64 13.39
CA CYS A 57 6.55 4.18 14.11
C CYS A 57 5.31 3.35 13.84
N GLU A 58 4.83 2.61 14.84
CA GLU A 58 3.58 1.90 14.76
C GLU A 58 2.50 2.80 15.34
N THR A 59 1.31 2.71 14.78
CA THR A 59 0.13 3.42 15.26
C THR A 59 -0.95 2.39 15.59
N VAL A 60 -1.67 2.64 16.67
CA VAL A 60 -2.79 1.84 17.13
C VAL A 60 -3.98 2.77 17.32
N ALA A 61 -5.14 2.36 16.84
CA ALA A 61 -6.34 3.18 16.94
C ALA A 61 -7.49 2.37 17.54
N LYS A 62 -8.15 2.94 18.53
CA LYS A 62 -9.41 2.36 19.04
C LYS A 62 -10.26 3.56 19.45
N THR A 63 -11.47 3.37 19.92
CA THR A 63 -12.38 4.47 20.27
C THR A 63 -11.62 5.54 21.03
N GLY A 64 -11.61 6.76 20.47
CA GLY A 64 -11.04 7.92 21.12
C GLY A 64 -9.52 7.95 21.27
N MET A 65 -8.78 7.03 20.67
CA MET A 65 -7.36 6.87 20.95
C MET A 65 -6.56 6.66 19.71
N ILE A 66 -5.47 7.44 19.57
CA ILE A 66 -4.34 7.13 18.70
C ILE A 66 -3.14 6.95 19.64
N LEU A 67 -2.51 5.78 19.58
CA LEU A 67 -1.26 5.52 20.28
C LEU A 67 -0.14 5.34 19.28
N LEU A 68 0.97 6.05 19.48
CA LEU A 68 2.20 5.83 18.73
C LEU A 68 3.16 5.00 19.56
N ALA A 69 3.68 3.92 19.00
CA ALA A 69 4.61 3.05 19.71
C ALA A 69 5.72 2.66 18.76
N GLY A 70 6.95 2.62 19.24
CA GLY A 70 8.06 2.27 18.37
C GLY A 70 9.31 3.03 18.69
N GLU A 71 10.15 3.17 17.67
CA GLU A 71 11.52 3.60 17.84
C GLU A 71 11.88 4.62 16.80
N ILE A 72 12.33 5.80 17.24
CA ILE A 72 12.74 6.88 16.35
C ILE A 72 14.02 7.48 16.93
N THR A 73 15.05 7.59 16.08
CA THR A 73 16.26 8.37 16.38
C THR A 73 16.42 9.37 15.24
N SER A 74 16.31 10.64 15.60
CA SER A 74 16.20 11.71 14.65
C SER A 74 16.61 13.03 15.26
N ARG A 75 17.15 13.91 14.43
CA ARG A 75 17.45 15.27 14.84
C ARG A 75 16.24 16.19 14.74
N ALA A 76 15.14 15.74 14.18
CA ALA A 76 13.95 16.55 14.06
C ALA A 76 13.31 16.83 15.43
N ALA A 77 12.59 17.94 15.50
CA ALA A 77 11.70 18.19 16.62
C ALA A 77 10.28 18.15 16.07
N VAL A 78 9.55 17.08 16.41
CA VAL A 78 8.23 16.81 15.81
C VAL A 78 7.16 16.94 16.90
N ASP A 79 6.10 17.66 16.58
CA ASP A 79 4.95 17.82 17.47
C ASP A 79 3.96 16.72 17.13
N TYR A 80 4.04 15.60 17.85
CA TYR A 80 3.22 14.44 17.55
C TYR A 80 1.73 14.74 17.65
N GLN A 81 1.32 15.55 18.62
CA GLN A 81 -0.09 15.91 18.75
C GLN A 81 -0.58 16.53 17.47
N LYS A 82 0.17 17.50 16.95
CA LYS A 82 -0.23 18.19 15.75
C LYS A 82 -0.23 17.28 14.53
N VAL A 83 0.83 16.49 14.37
CA VAL A 83 0.94 15.64 13.19
C VAL A 83 -0.19 14.61 13.15
N VAL A 84 -0.46 13.98 14.29
CA VAL A 84 -1.50 12.98 14.34
C VAL A 84 -2.86 13.63 14.05
N ARG A 85 -3.15 14.72 14.72
CA ARG A 85 -4.47 15.32 14.58
C ARG A 85 -4.72 15.85 13.19
N GLU A 86 -3.70 16.42 12.56
CA GLU A 86 -3.85 16.88 11.20
C GLU A 86 -4.12 15.73 10.21
N ALA A 87 -3.48 14.58 10.45
CA ALA A 87 -3.73 13.44 9.59
C ALA A 87 -5.18 12.96 9.71
N VAL A 88 -5.68 12.89 10.93
CA VAL A 88 -7.06 12.47 11.19
C VAL A 88 -8.05 13.46 10.60
N LYS A 89 -7.76 14.75 10.73
CA LYS A 89 -8.57 15.79 10.10
C LYS A 89 -8.67 15.57 8.59
N HIS A 90 -7.55 15.32 7.93
CA HIS A 90 -7.53 15.12 6.49
C HIS A 90 -8.41 13.95 6.06
N ILE A 91 -8.38 12.88 6.83
CA ILE A 91 -9.18 11.71 6.57
C ILE A 91 -10.67 12.00 6.64
N GLY A 92 -11.06 12.88 7.54
CA GLY A 92 -12.44 13.34 7.67
C GLY A 92 -13.11 13.08 8.99
N TYR A 93 -12.38 12.55 9.98
CA TYR A 93 -12.97 12.28 11.30
C TYR A 93 -12.86 13.54 12.15
N ASP A 94 -13.92 14.33 12.11
CA ASP A 94 -13.93 15.68 12.67
C ASP A 94 -15.14 15.95 13.54
N ASP A 95 -15.80 14.92 14.06
CA ASP A 95 -16.96 15.15 14.92
C ASP A 95 -17.35 13.89 15.62
N SER A 96 -17.79 14.04 16.86
CA SER A 96 -18.21 12.89 17.64
C SER A 96 -19.37 12.14 16.98
N SER A 97 -20.20 12.81 16.18
CA SER A 97 -21.27 12.14 15.49
C SER A 97 -20.79 11.09 14.47
N LYS A 98 -19.54 11.22 13.99
CA LYS A 98 -18.93 10.32 13.03
C LYS A 98 -18.18 9.19 13.72
N GLY A 99 -18.07 9.23 15.05
CA GLY A 99 -17.42 8.21 15.82
C GLY A 99 -16.00 8.53 16.24
N PHE A 100 -15.43 9.62 15.72
CA PHE A 100 -14.03 9.95 15.98
C PHE A 100 -13.84 11.40 15.59
N ASP A 101 -13.04 12.13 16.37
CA ASP A 101 -12.80 13.55 16.13
C ASP A 101 -11.34 13.88 16.42
N TYR A 102 -10.63 14.37 15.41
CA TYR A 102 -9.25 14.78 15.58
C TYR A 102 -9.06 15.86 16.65
N LYS A 103 -10.07 16.69 16.88
CA LYS A 103 -9.93 17.80 17.80
C LYS A 103 -9.88 17.32 19.23
N THR A 104 -10.54 16.20 19.55
CA THR A 104 -10.82 15.82 20.92
C THR A 104 -10.42 14.41 21.28
N CYS A 105 -9.79 13.66 20.37
CA CYS A 105 -9.32 12.34 20.71
C CYS A 105 -8.07 12.41 21.59
N ASN A 106 -7.76 11.29 22.22
CA ASN A 106 -6.53 11.08 22.97
C ASN A 106 -5.41 10.72 22.02
N VAL A 107 -4.27 11.38 22.15
CA VAL A 107 -3.05 11.00 21.47
C VAL A 107 -2.02 10.65 22.54
N LEU A 108 -1.59 9.39 22.55
CA LEU A 108 -0.64 8.82 23.52
C LEU A 108 0.64 8.47 22.76
N VAL A 109 1.80 8.70 23.38
CA VAL A 109 3.06 8.48 22.72
C VAL A 109 3.96 7.59 23.60
N ALA A 110 4.40 6.45 23.04
CA ALA A 110 5.35 5.50 23.65
C ALA A 110 6.48 5.25 22.68
N LEU A 111 7.24 6.29 22.41
CA LEU A 111 8.33 6.27 21.42
C LEU A 111 9.65 6.37 22.14
N GLU A 112 10.57 5.51 21.80
CA GLU A 112 11.92 5.54 22.35
CA GLU A 112 11.92 5.46 22.33
C GLU A 112 12.91 5.63 21.20
N GLN A 113 14.18 5.79 21.53
CA GLN A 113 15.22 5.75 20.51
C GLN A 113 15.32 4.37 19.87
N GLN A 114 15.87 4.32 18.66
CA GLN A 114 16.29 3.07 18.06
C GLN A 114 17.27 2.34 18.97
N SER A 115 17.08 1.03 19.12
CA SER A 115 18.02 0.22 19.86
C SER A 115 19.46 0.50 19.42
N PRO A 116 20.37 0.83 20.34
CA PRO A 116 21.77 0.99 20.00
CA PRO A 116 21.74 1.03 19.91
C PRO A 116 22.38 -0.26 19.39
N ASP A 117 21.89 -1.43 19.78
CA ASP A 117 22.40 -2.68 19.23
C ASP A 117 22.03 -2.82 17.76
N ILE A 118 20.83 -2.42 17.38
CA ILE A 118 20.48 -2.38 15.97
C ILE A 118 21.31 -1.33 15.22
N ALA A 119 21.40 -0.13 15.78
CA ALA A 119 22.11 0.94 15.11
C ALA A 119 23.53 0.53 14.79
N GLN A 120 24.24 -0.04 15.76
CA GLN A 120 25.63 -0.39 15.55
C GLN A 120 25.79 -1.47 14.51
N GLY A 121 24.82 -2.35 14.38
CA GLY A 121 24.90 -3.44 13.43
C GLY A 121 24.47 -3.13 12.03
N VAL A 122 23.71 -2.05 11.88
CA VAL A 122 23.10 -1.69 10.61
C VAL A 122 23.81 -0.52 9.92
N HIS A 123 23.98 0.59 10.63
CA HIS A 123 24.36 1.83 9.96
C HIS A 123 25.47 2.63 10.62
N LEU A 124 25.78 2.43 11.89
CA LEU A 124 26.76 3.32 12.46
CA LEU A 124 26.83 3.18 12.59
C LEU A 124 28.15 3.02 11.88
N ASP A 125 28.83 4.11 11.53
CA ASP A 125 30.16 4.05 10.93
C ASP A 125 30.18 3.22 9.67
N ARG A 126 29.11 3.27 8.88
CA ARG A 126 29.13 2.63 7.59
CA ARG A 126 29.00 2.61 7.56
C ARG A 126 28.92 3.64 6.48
N ASN A 127 29.64 3.44 5.39
CA ASN A 127 29.45 4.21 4.17
C ASN A 127 28.00 4.02 3.73
N GLU A 128 27.32 5.07 3.30
CA GLU A 128 25.88 4.94 3.01
C GLU A 128 25.60 3.83 2.01
N GLU A 129 26.34 3.75 0.92
CA GLU A 129 26.07 2.73 -0.07
C GLU A 129 26.20 1.32 0.49
N ASP A 130 26.99 1.20 1.56
CA ASP A 130 27.31 -0.08 2.20
C ASP A 130 26.61 -0.30 3.53
N ILE A 131 25.57 0.47 3.82
CA ILE A 131 24.80 0.21 5.05
CA ILE A 131 24.71 0.29 4.98
C ILE A 131 24.17 -1.15 4.95
N GLY A 132 24.03 -1.77 6.10
CA GLY A 132 23.39 -3.08 6.12
C GLY A 132 21.88 -2.96 6.03
N ALA A 133 21.24 -4.04 5.61
CA ALA A 133 19.80 -4.12 5.74
C ALA A 133 19.40 -3.89 7.19
N GLY A 134 18.28 -3.19 7.39
CA GLY A 134 17.83 -2.89 8.74
C GLY A 134 17.21 -4.06 9.48
N ASP A 135 16.98 -5.17 8.79
CA ASP A 135 16.45 -6.39 9.35
C ASP A 135 16.72 -7.49 8.34
N GLN A 136 16.56 -8.73 8.76
CA GLN A 136 16.39 -9.81 7.79
C GLN A 136 15.01 -9.71 7.16
N GLY A 137 14.75 -10.50 6.13
CA GLY A 137 13.40 -10.70 5.61
C GLY A 137 13.42 -10.97 4.15
N LEU A 138 12.23 -11.24 3.64
CA LEU A 138 11.99 -11.53 2.23
C LEU A 138 10.95 -10.56 1.72
N MET A 139 11.02 -10.26 0.44
CA MET A 139 10.14 -9.26 -0.18
C MET A 139 9.87 -9.68 -1.61
N PHE A 140 8.68 -9.36 -2.12
CA PHE A 140 8.33 -9.65 -3.49
C PHE A 140 7.89 -8.43 -4.24
N GLY A 141 8.20 -8.43 -5.54
CA GLY A 141 7.65 -7.50 -6.50
C GLY A 141 6.84 -8.25 -7.53
N TYR A 142 5.85 -7.60 -8.12
CA TYR A 142 4.99 -8.24 -9.11
C TYR A 142 4.56 -7.22 -10.13
N ALA A 143 4.37 -7.67 -11.37
CA ALA A 143 3.82 -6.84 -12.41
C ALA A 143 3.07 -7.73 -13.39
N THR A 144 2.01 -7.19 -13.99
CA THR A 144 1.15 -7.88 -14.92
C THR A 144 0.74 -6.91 -16.02
N ASP A 145 0.81 -7.35 -17.27
CA ASP A 145 0.47 -6.50 -18.41
C ASP A 145 -1.01 -6.35 -18.62
N GLU A 146 -1.85 -6.82 -17.71
CA GLU A 146 -3.30 -6.77 -17.91
C GLU A 146 -3.86 -5.36 -17.83
N THR A 147 -3.14 -4.42 -17.21
CA THR A 147 -3.49 -3.01 -17.20
C THR A 147 -2.25 -2.21 -17.59
N GLU A 148 -2.45 -0.99 -18.06
CA GLU A 148 -1.32 -0.12 -18.45
C GLU A 148 -0.36 0.12 -17.30
N GLU A 149 -0.91 0.26 -16.11
CA GLU A 149 -0.07 0.51 -14.92
C GLU A 149 0.53 -0.75 -14.34
N CYS A 150 0.30 -1.88 -14.98
CA CYS A 150 0.95 -3.13 -14.65
C CYS A 150 0.54 -3.71 -13.31
N MET A 151 -0.73 -3.50 -12.98
CA MET A 151 -1.35 -3.98 -11.75
C MET A 151 -2.54 -4.87 -12.06
N PRO A 152 -2.91 -5.74 -11.10
CA PRO A 152 -4.11 -6.57 -11.30
C PRO A 152 -5.37 -5.70 -11.38
N LEU A 153 -6.24 -6.00 -12.32
CA LEU A 153 -7.49 -5.24 -12.45
C LEU A 153 -8.35 -5.33 -11.21
N THR A 154 -8.38 -6.50 -10.58
CA THR A 154 -9.19 -6.69 -9.37
C THR A 154 -8.90 -5.61 -8.33
N ILE A 155 -7.62 -5.40 -8.01
CA ILE A 155 -7.28 -4.45 -6.97
C ILE A 155 -7.37 -3.01 -7.45
N VAL A 156 -7.05 -2.75 -8.72
CA VAL A 156 -7.21 -1.39 -9.24
C VAL A 156 -8.66 -0.95 -9.10
N LEU A 157 -9.59 -1.79 -9.54
CA LEU A 157 -11.00 -1.44 -9.41
C LEU A 157 -11.40 -1.27 -7.95
N ALA A 158 -10.94 -2.17 -7.07
CA ALA A 158 -11.28 -2.06 -5.66
C ALA A 158 -10.79 -0.73 -5.07
N HIS A 159 -9.57 -0.33 -5.38
CA HIS A 159 -9.05 0.94 -4.90
C HIS A 159 -9.90 2.09 -5.44
N LYS A 160 -10.20 2.07 -6.73
CA LYS A 160 -10.94 3.17 -7.34
C LYS A 160 -12.33 3.31 -6.75
N LEU A 161 -12.97 2.22 -6.36
CA LEU A 161 -14.27 2.30 -5.70
C LEU A 161 -14.15 3.03 -4.37
N ASN A 162 -13.11 2.76 -3.56
CA ASN A 162 -12.92 3.53 -2.32
C ASN A 162 -12.61 4.97 -2.59
N ALA A 163 -11.82 5.27 -3.61
CA ALA A 163 -11.49 6.66 -3.94
C ALA A 163 -12.76 7.41 -4.36
N LYS A 164 -13.64 6.75 -5.10
CA LYS A 164 -14.89 7.36 -5.53
C LYS A 164 -15.78 7.68 -4.34
N LEU A 165 -15.88 6.77 -3.37
CA LEU A 165 -16.62 7.05 -2.16
C LEU A 165 -16.08 8.30 -1.47
N ALA A 166 -14.75 8.41 -1.30
CA ALA A 166 -14.17 9.58 -0.65
C ALA A 166 -14.45 10.86 -1.44
N GLU A 167 -14.42 10.76 -2.77
CA GLU A 167 -14.69 11.90 -3.62
C GLU A 167 -16.11 12.41 -3.41
N LEU A 168 -17.08 11.50 -3.39
CA LEU A 168 -18.50 11.87 -3.27
C LEU A 168 -18.87 12.29 -1.87
N ARG A 169 -18.12 11.81 -0.88
CA ARG A 169 -18.21 12.29 0.50
C ARG A 169 -17.73 13.73 0.57
N ARG A 170 -16.54 13.97 0.04
CA ARG A 170 -15.91 15.28 0.16
C ARG A 170 -16.59 16.35 -0.68
N ASN A 171 -17.19 16.00 -1.80
CA ASN A 171 -17.86 16.99 -2.63
C ASN A 171 -19.32 17.20 -2.25
N GLY A 172 -19.79 16.51 -1.23
CA GLY A 172 -21.12 16.72 -0.68
C GLY A 172 -22.24 16.10 -1.47
N THR A 173 -21.94 15.32 -2.51
CA THR A 173 -22.91 14.58 -3.36
CA THR A 173 -23.09 14.78 -3.20
C THR A 173 -23.71 13.56 -2.54
N LEU A 174 -22.98 12.82 -1.71
CA LEU A 174 -23.53 11.78 -0.85
C LEU A 174 -23.13 12.09 0.58
N PRO A 175 -23.80 13.07 1.21
CA PRO A 175 -23.25 13.55 2.46
CA PRO A 175 -23.43 13.61 2.52
C PRO A 175 -23.53 12.63 3.66
N TRP A 176 -24.28 11.54 3.46
CA TRP A 176 -24.44 10.49 4.44
C TRP A 176 -23.23 9.57 4.55
N LEU A 177 -22.27 9.65 3.61
CA LEU A 177 -21.09 8.82 3.68
C LEU A 177 -20.20 9.25 4.81
N ARG A 178 -19.50 8.28 5.40
CA ARG A 178 -18.46 8.53 6.39
CA ARG A 178 -18.44 8.53 6.38
C ARG A 178 -17.15 7.92 5.88
N PRO A 179 -16.02 8.16 6.57
CA PRO A 179 -14.72 7.80 5.98
C PRO A 179 -14.33 6.33 5.89
N ASP A 180 -14.93 5.49 6.74
CA ASP A 180 -14.57 4.06 6.83
C ASP A 180 -15.30 3.28 5.73
N SER A 181 -14.55 2.64 4.84
CA SER A 181 -15.13 1.83 3.76
C SER A 181 -14.25 0.67 3.42
N LYS A 182 -14.87 -0.35 2.83
CA LYS A 182 -14.20 -1.52 2.26
C LYS A 182 -14.89 -1.87 0.96
N THR A 183 -14.09 -2.37 0.00
CA THR A 183 -14.64 -2.82 -1.26
C THR A 183 -13.97 -4.12 -1.65
N GLN A 184 -14.59 -4.89 -2.53
CA GLN A 184 -14.02 -6.17 -2.96
C GLN A 184 -14.53 -6.47 -4.34
N VAL A 185 -13.63 -6.87 -5.23
CA VAL A 185 -13.97 -7.12 -6.63
C VAL A 185 -13.48 -8.49 -7.04
N THR A 186 -14.41 -9.29 -7.58
CA THR A 186 -14.11 -10.56 -8.17
C THR A 186 -14.23 -10.44 -9.68
N VAL A 187 -13.15 -10.77 -10.38
CA VAL A 187 -13.10 -10.75 -11.85
C VAL A 187 -12.98 -12.15 -12.36
N GLN A 188 -13.69 -12.44 -13.45
CA GLN A 188 -13.49 -13.64 -14.25
C GLN A 188 -12.44 -13.35 -15.30
N TYR A 189 -11.42 -14.19 -15.30
CA TYR A 189 -10.28 -14.11 -16.20
C TYR A 189 -10.23 -15.31 -17.13
N MET A 190 -9.53 -15.08 -18.26
CA MET A 190 -9.10 -16.15 -19.15
C MET A 190 -7.60 -16.29 -19.02
N GLN A 191 -7.14 -17.55 -18.97
CA GLN A 191 -5.72 -17.87 -19.04
C GLN A 191 -5.20 -17.63 -20.47
N ASP A 192 -4.02 -17.06 -20.60
CA ASP A 192 -3.42 -16.75 -21.88
C ASP A 192 -1.90 -16.94 -21.86
N ARG A 193 -1.45 -18.18 -21.98
CA ARG A 193 -0.03 -18.52 -22.04
C ARG A 193 0.74 -17.97 -20.83
N GLY A 194 0.14 -18.15 -19.65
CA GLY A 194 0.71 -17.65 -18.43
C GLY A 194 0.30 -16.24 -18.06
N ALA A 195 -0.10 -15.42 -19.03
CA ALA A 195 -0.67 -14.12 -18.76
C ALA A 195 -2.15 -14.28 -18.43
N VAL A 196 -2.79 -13.23 -17.97
CA VAL A 196 -4.21 -13.29 -17.60
C VAL A 196 -4.95 -12.16 -18.29
N LEU A 197 -6.16 -12.46 -18.74
CA LEU A 197 -6.99 -11.53 -19.50
C LEU A 197 -8.33 -11.34 -18.78
N PRO A 198 -8.63 -10.14 -18.30
CA PRO A 198 -9.95 -9.94 -17.64
C PRO A 198 -11.07 -10.07 -18.65
N ILE A 199 -12.14 -10.74 -18.25
CA ILE A 199 -13.34 -10.89 -19.06
C ILE A 199 -14.49 -10.02 -18.52
N ARG A 200 -14.83 -10.18 -17.25
CA ARG A 200 -16.02 -9.57 -16.69
CA ARG A 200 -15.92 -9.42 -16.68
C ARG A 200 -15.85 -9.46 -15.18
N VAL A 201 -16.62 -8.57 -14.58
CA VAL A 201 -16.76 -8.49 -13.13
C VAL A 201 -17.87 -9.42 -12.69
N HIS A 202 -17.50 -10.36 -11.85
CA HIS A 202 -18.40 -11.39 -11.34
C HIS A 202 -19.17 -10.93 -10.10
N THR A 203 -18.47 -10.31 -9.15
CA THR A 203 -19.09 -9.87 -7.89
C THR A 203 -18.41 -8.61 -7.42
N ILE A 204 -19.19 -7.66 -6.89
CA ILE A 204 -18.67 -6.47 -6.19
C ILE A 204 -19.30 -6.41 -4.80
N VAL A 205 -18.46 -6.18 -3.80
CA VAL A 205 -18.87 -5.83 -2.46
C VAL A 205 -18.50 -4.39 -2.17
N ILE A 206 -19.42 -3.62 -1.58
CA ILE A 206 -19.09 -2.34 -0.97
C ILE A 206 -19.76 -2.25 0.37
N SER A 207 -18.99 -1.95 1.41
CA SER A 207 -19.49 -1.59 2.75
C SER A 207 -18.92 -0.27 3.11
N VAL A 208 -19.77 0.68 3.50
CA VAL A 208 -19.30 2.00 3.89
C VAL A 208 -20.11 2.54 5.07
N GLN A 209 -19.40 3.15 6.01
CA GLN A 209 -20.01 3.75 7.18
C GLN A 209 -20.93 4.91 6.73
N HIS A 210 -22.06 5.06 7.42
CA HIS A 210 -23.07 5.99 6.99
C HIS A 210 -23.76 6.63 8.18
N ASP A 211 -24.47 7.72 7.90
CA ASP A 211 -25.24 8.40 8.93
C ASP A 211 -26.50 7.63 9.30
N GLU A 212 -27.06 8.03 10.43
CA GLU A 212 -28.22 7.36 11.05
CA GLU A 212 -28.21 7.35 11.05
C GLU A 212 -29.49 7.53 10.28
N GLU A 213 -29.55 8.52 9.42
CA GLU A 213 -30.82 8.86 8.77
C GLU A 213 -31.06 8.19 7.42
N VAL A 214 -30.02 7.83 6.67
CA VAL A 214 -30.23 7.36 5.30
C VAL A 214 -30.66 5.89 5.34
N CYS A 215 -31.59 5.51 4.47
CA CYS A 215 -32.06 4.14 4.45
C CYS A 215 -31.24 3.28 3.51
N LEU A 216 -31.38 1.98 3.69
CA LEU A 216 -30.66 1.01 2.93
C LEU A 216 -30.91 1.11 1.42
N ASP A 217 -32.17 1.31 1.02
CA ASP A 217 -32.47 1.38 -0.40
C ASP A 217 -31.82 2.60 -1.05
N GLU A 218 -31.85 3.74 -0.38
CA GLU A 218 -31.17 4.93 -0.91
C GLU A 218 -29.69 4.64 -1.07
N MET A 219 -29.07 4.03 -0.07
CA MET A 219 -27.65 3.74 -0.15
C MET A 219 -27.34 2.76 -1.27
N ARG A 220 -28.08 1.67 -1.39
CA ARG A 220 -27.78 0.67 -2.39
C ARG A 220 -27.94 1.21 -3.80
N ASP A 221 -28.98 2.02 -4.01
CA ASP A 221 -29.17 2.65 -5.31
C ASP A 221 -27.98 3.58 -5.64
N ALA A 222 -27.58 4.41 -4.69
CA ALA A 222 -26.47 5.32 -4.91
C ALA A 222 -25.16 4.58 -5.16
N LEU A 223 -24.91 3.53 -4.41
CA LEU A 223 -23.68 2.78 -4.57
C LEU A 223 -23.60 2.16 -5.95
N LYS A 224 -24.71 1.67 -6.47
CA LYS A 224 -24.68 1.14 -7.82
CA LYS A 224 -24.70 1.13 -7.82
C LYS A 224 -24.54 2.23 -8.87
N GLU A 225 -25.37 3.25 -8.81
CA GLU A 225 -25.46 4.23 -9.88
C GLU A 225 -24.36 5.27 -9.86
N LYS A 226 -23.97 5.75 -8.67
CA LYS A 226 -23.03 6.85 -8.55
C LYS A 226 -21.62 6.42 -8.22
N VAL A 227 -21.46 5.20 -7.73
CA VAL A 227 -20.12 4.69 -7.37
C VAL A 227 -19.69 3.65 -8.39
N ILE A 228 -20.36 2.50 -8.43
CA ILE A 228 -19.92 1.44 -9.32
C ILE A 228 -19.95 1.89 -10.78
N LYS A 229 -21.06 2.46 -11.25
CA LYS A 229 -21.12 2.81 -12.65
C LYS A 229 -20.14 3.92 -13.02
N ALA A 230 -19.73 4.74 -12.07
CA ALA A 230 -18.77 5.80 -12.29
C ALA A 230 -17.34 5.28 -12.32
N VAL A 231 -17.10 4.04 -11.93
CA VAL A 231 -15.77 3.47 -11.81
C VAL A 231 -15.53 2.29 -12.76
N VAL A 232 -16.46 1.34 -12.80
CA VAL A 232 -16.24 0.10 -13.50
C VAL A 232 -16.82 0.20 -14.90
N PRO A 233 -16.01 0.01 -15.97
CA PRO A 233 -16.54 0.05 -17.32
C PRO A 233 -17.73 -0.88 -17.51
N ALA A 234 -18.74 -0.37 -18.22
CA ALA A 234 -19.96 -1.13 -18.46
C ALA A 234 -19.71 -2.45 -19.16
N LYS A 235 -18.65 -2.51 -19.96
CA LYS A 235 -18.34 -3.74 -20.68
C LYS A 235 -18.03 -4.89 -19.74
N TYR A 236 -17.67 -4.62 -18.50
CA TYR A 236 -17.41 -5.66 -17.52
C TYR A 236 -18.61 -6.06 -16.67
N LEU A 237 -19.70 -5.32 -16.76
CA LEU A 237 -20.87 -5.52 -15.93
C LEU A 237 -21.99 -6.09 -16.78
N ASP A 238 -22.67 -7.12 -16.30
CA ASP A 238 -23.74 -7.71 -17.07
C ASP A 238 -24.84 -8.19 -16.16
N GLU A 239 -25.84 -8.85 -16.73
CA GLU A 239 -27.00 -9.31 -15.98
C GLU A 239 -26.64 -10.30 -14.90
N ASP A 240 -25.50 -10.96 -15.03
CA ASP A 240 -25.11 -11.95 -14.04
C ASP A 240 -24.25 -11.41 -12.90
N THR A 241 -23.73 -10.19 -13.03
CA THR A 241 -22.87 -9.62 -11.99
C THR A 241 -23.65 -9.59 -10.67
N ILE A 242 -23.01 -10.00 -9.60
CA ILE A 242 -23.58 -10.03 -8.26
C ILE A 242 -23.11 -8.81 -7.48
N TYR A 243 -24.04 -8.17 -6.82
CA TYR A 243 -23.77 -6.97 -6.06
C TYR A 243 -24.13 -7.21 -4.60
N HIS A 244 -23.16 -7.02 -3.71
CA HIS A 244 -23.37 -7.05 -2.29
C HIS A 244 -23.05 -5.67 -1.75
N LEU A 245 -24.09 -4.86 -1.64
CA LEU A 245 -23.95 -3.43 -1.32
C LEU A 245 -24.55 -3.22 0.05
N GLN A 246 -23.77 -2.71 0.99
CA GLN A 246 -24.15 -2.67 2.40
C GLN A 246 -24.70 -4.03 2.85
N PRO A 247 -23.94 -5.13 2.63
CA PRO A 247 -24.48 -6.44 2.94
C PRO A 247 -24.69 -6.71 4.42
N SER A 248 -24.05 -5.96 5.32
CA SER A 248 -24.34 -6.12 6.74
C SER A 248 -25.69 -5.52 7.14
N GLY A 249 -26.25 -4.66 6.30
CA GLY A 249 -27.50 -4.00 6.57
C GLY A 249 -27.43 -2.72 7.36
N ARG A 250 -26.37 -2.49 8.13
CA ARG A 250 -26.27 -1.29 8.98
C ARG A 250 -24.80 -1.14 9.36
N PHE A 251 -24.28 0.07 9.15
CA PHE A 251 -22.87 0.40 9.38
C PHE A 251 -22.80 1.87 9.81
N VAL A 252 -23.42 2.16 10.96
CA VAL A 252 -23.40 3.50 11.55
C VAL A 252 -22.17 3.67 12.44
N ILE A 253 -21.93 2.71 13.31
CA ILE A 253 -20.69 2.65 14.08
C ILE A 253 -19.57 2.25 13.14
N GLY A 254 -18.49 3.02 13.13
CA GLY A 254 -17.37 2.70 12.27
C GLY A 254 -16.14 3.41 12.71
N GLY A 255 -15.11 3.37 11.86
CA GLY A 255 -13.81 3.84 12.26
C GLY A 255 -13.27 3.02 13.41
N PRO A 256 -12.31 3.57 14.17
CA PRO A 256 -11.75 2.84 15.33
C PRO A 256 -12.76 2.40 16.36
N GLN A 257 -13.87 3.13 16.48
CA GLN A 257 -14.93 2.72 17.39
C GLN A 257 -15.51 1.36 17.02
N GLY A 258 -15.66 1.08 15.74
CA GLY A 258 -16.17 -0.20 15.29
C GLY A 258 -15.19 -1.35 15.30
N ASP A 259 -13.91 -1.03 15.18
CA ASP A 259 -12.88 -2.05 14.95
C ASP A 259 -11.52 -1.43 15.17
N ALA A 260 -10.71 -2.02 16.04
CA ALA A 260 -9.38 -1.52 16.28
C ALA A 260 -8.54 -1.54 15.02
N GLY A 261 -7.74 -0.52 14.86
CA GLY A 261 -6.78 -0.42 13.77
C GLY A 261 -5.35 -0.53 14.26
N LEU A 262 -4.50 -1.06 13.39
CA LEU A 262 -3.06 -1.13 13.63
C LEU A 262 -2.31 -0.88 12.34
N THR A 263 -1.12 -0.28 12.42
CA THR A 263 -0.25 -0.19 11.26
C THR A 263 0.11 -1.57 10.76
N GLY A 264 0.18 -1.70 9.44
CA GLY A 264 0.71 -2.92 8.84
C GLY A 264 -0.21 -4.11 8.86
N ARG A 265 -1.52 -3.86 8.89
CA ARG A 265 -2.57 -4.86 8.87
C ARG A 265 -3.35 -4.87 7.56
N LYS A 266 -2.85 -4.15 6.56
CA LYS A 266 -3.43 -4.12 5.22
C LYS A 266 -2.34 -4.31 4.18
N ILE A 267 -1.46 -5.28 4.39
CA ILE A 267 -0.28 -5.39 3.57
C ILE A 267 -0.57 -5.91 2.18
N ILE A 268 -1.69 -6.61 2.01
CA ILE A 268 -2.10 -7.12 0.70
C ILE A 268 -2.87 -6.05 -0.09
N VAL A 269 -3.69 -5.25 0.60
CA VAL A 269 -4.24 -4.03 0.02
C VAL A 269 -3.15 -3.08 -0.45
N ASP A 270 -2.05 -3.03 0.32
CA ASP A 270 -0.94 -2.14 -0.02
C ASP A 270 -0.16 -2.57 -1.27
N THR A 271 -0.30 -3.84 -1.65
CA THR A 271 0.54 -4.46 -2.67
C THR A 271 -0.33 -5.00 -3.82
N TYR A 272 -0.56 -6.30 -3.91
CA TYR A 272 -1.06 -6.90 -5.13
C TYR A 272 -2.39 -7.61 -5.00
N GLY A 273 -3.11 -7.48 -3.88
CA GLY A 273 -4.47 -7.96 -3.85
C GLY A 273 -4.62 -9.47 -3.90
N GLY A 274 -3.61 -10.20 -3.47
CA GLY A 274 -3.63 -11.66 -3.47
C GLY A 274 -2.81 -12.24 -4.60
N TRP A 275 -2.60 -11.46 -5.66
CA TRP A 275 -1.75 -11.85 -6.75
C TRP A 275 -0.29 -11.81 -6.32
N GLY A 276 0.58 -12.52 -7.03
CA GLY A 276 1.99 -12.51 -6.66
C GLY A 276 2.17 -13.15 -5.32
N ALA A 277 2.92 -12.54 -4.41
CA ALA A 277 3.25 -13.10 -3.11
C ALA A 277 3.60 -11.92 -2.21
N HIS A 278 3.78 -12.22 -0.93
CA HIS A 278 4.18 -11.24 0.06
C HIS A 278 5.17 -11.87 1.02
N GLY A 279 6.17 -11.09 1.44
CA GLY A 279 7.11 -11.56 2.44
C GLY A 279 6.76 -11.30 3.89
N GLY A 280 5.71 -10.49 4.12
CA GLY A 280 5.15 -10.28 5.44
C GLY A 280 5.36 -8.91 6.04
N GLY A 281 6.34 -8.16 5.56
CA GLY A 281 6.68 -6.90 6.18
C GLY A 281 5.74 -5.78 5.82
N ALA A 282 5.46 -4.91 6.78
CA ALA A 282 4.66 -3.73 6.57
C ALA A 282 5.53 -2.61 6.02
N PHE A 283 4.89 -1.68 5.34
CA PHE A 283 5.58 -0.52 4.78
C PHE A 283 5.56 0.72 5.69
N SER A 284 4.40 1.07 6.22
CA SER A 284 4.24 2.42 6.78
C SER A 284 4.97 2.59 8.09
N GLY A 285 5.47 3.81 8.28
CA GLY A 285 6.19 4.17 9.50
C GLY A 285 7.66 3.86 9.50
N LYS A 286 8.22 3.45 8.36
CA LYS A 286 9.60 2.96 8.28
C LYS A 286 10.41 3.77 7.27
N ASP A 287 11.62 4.16 7.68
CA ASP A 287 12.59 4.78 6.78
C ASP A 287 13.26 3.74 5.86
N TYR A 288 14.05 4.24 4.92
CA TYR A 288 14.58 3.41 3.83
C TYR A 288 15.47 2.27 4.28
N THR A 289 16.08 2.37 5.44
CA THR A 289 16.96 1.30 5.91
C THR A 289 16.18 0.05 6.24
N LYS A 290 14.87 0.16 6.43
CA LYS A 290 13.99 -0.99 6.64
C LYS A 290 13.63 -1.54 5.27
N VAL A 291 14.33 -2.61 4.89
CA VAL A 291 14.17 -3.26 3.61
C VAL A 291 12.76 -3.80 3.37
N ASP A 292 11.96 -4.03 4.42
CA ASP A 292 10.56 -4.38 4.21
C ASP A 292 9.89 -3.44 3.23
N ARG A 293 10.23 -2.16 3.32
CA ARG A 293 9.69 -1.14 2.41
C ARG A 293 10.61 -0.95 1.20
N SER A 294 11.84 -0.51 1.40
CA SER A 294 12.68 -0.15 0.29
C SER A 294 12.92 -1.27 -0.68
N ALA A 295 13.13 -2.50 -0.21
CA ALA A 295 13.37 -3.62 -1.12
C ALA A 295 12.11 -4.07 -1.82
N ALA A 296 10.95 -3.95 -1.16
CA ALA A 296 9.69 -4.22 -1.85
C ALA A 296 9.44 -3.21 -2.95
N TYR A 297 9.74 -1.93 -2.69
CA TYR A 297 9.61 -0.92 -3.73
C TYR A 297 10.56 -1.23 -4.89
N ALA A 298 11.81 -1.57 -4.55
CA ALA A 298 12.77 -1.92 -5.61
C ALA A 298 12.34 -3.16 -6.38
N ALA A 299 11.76 -4.15 -5.71
CA ALA A 299 11.31 -5.36 -6.38
C ALA A 299 10.14 -5.07 -7.32
N ARG A 300 9.23 -4.18 -6.93
CA ARG A 300 8.19 -3.69 -7.84
C ARG A 300 8.82 -3.04 -9.06
N TRP A 301 9.82 -2.18 -8.83
CA TRP A 301 10.53 -1.50 -9.90
C TRP A 301 11.15 -2.49 -10.87
N VAL A 302 11.81 -3.52 -10.36
CA VAL A 302 12.35 -4.57 -11.21
C VAL A 302 11.26 -5.22 -12.02
N ALA A 303 10.19 -5.67 -11.35
CA ALA A 303 9.09 -6.38 -12.03
C ALA A 303 8.50 -5.52 -13.15
N LYS A 304 8.18 -4.29 -12.82
CA LYS A 304 7.59 -3.40 -13.80
C LYS A 304 8.54 -3.11 -14.97
N SER A 305 9.83 -3.01 -14.67
CA SER A 305 10.84 -2.82 -15.71
C SER A 305 10.91 -4.01 -16.65
N LEU A 306 10.78 -5.21 -16.14
CA LEU A 306 10.79 -6.40 -16.99
C LEU A 306 9.58 -6.42 -17.91
N VAL A 307 8.41 -6.09 -17.39
CA VAL A 307 7.19 -6.10 -18.19
C VAL A 307 7.19 -4.96 -19.21
N LYS A 308 7.47 -3.75 -18.76
CA LYS A 308 7.51 -2.59 -19.68
C LYS A 308 8.63 -2.71 -20.69
N GLY A 309 9.69 -3.42 -20.36
CA GLY A 309 10.77 -3.69 -21.27
C GLY A 309 10.51 -4.76 -22.28
N GLY A 310 9.35 -5.41 -22.20
CA GLY A 310 8.96 -6.42 -23.17
C GLY A 310 9.60 -7.77 -22.96
N LEU A 311 10.20 -8.01 -21.80
CA LEU A 311 10.82 -9.29 -21.50
C LEU A 311 9.86 -10.33 -21.00
N CYS A 312 8.74 -9.93 -20.44
CA CYS A 312 7.73 -10.86 -20.06
CA CYS A 312 7.74 -10.81 -19.78
C CYS A 312 6.41 -10.11 -19.89
N ARG A 313 5.33 -10.87 -19.80
CA ARG A 313 4.00 -10.30 -19.62
C ARG A 313 3.57 -10.24 -18.16
N ARG A 314 4.14 -11.10 -17.32
CA ARG A 314 3.73 -11.23 -15.92
CA ARG A 314 3.74 -11.22 -15.94
C ARG A 314 4.93 -11.79 -15.19
N VAL A 315 5.25 -11.26 -14.01
CA VAL A 315 6.46 -11.69 -13.33
C VAL A 315 6.37 -11.41 -11.83
N LEU A 316 6.97 -12.33 -11.09
CA LEU A 316 7.15 -12.26 -9.63
C LEU A 316 8.66 -12.27 -9.35
N VAL A 317 9.08 -11.35 -8.49
CA VAL A 317 10.48 -11.19 -8.10
C VAL A 317 10.56 -11.39 -6.60
N GLN A 318 11.44 -12.28 -6.12
CA GLN A 318 11.75 -12.38 -4.71
C GLN A 318 13.16 -11.84 -4.46
N VAL A 319 13.33 -11.15 -3.34
CA VAL A 319 14.65 -10.80 -2.78
CA VAL A 319 14.64 -10.77 -2.80
C VAL A 319 14.61 -11.08 -1.28
N SER A 320 15.79 -11.23 -0.68
CA SER A 320 15.86 -11.42 0.77
C SER A 320 17.16 -10.83 1.31
N TYR A 321 17.20 -10.59 2.62
CA TYR A 321 18.29 -9.91 3.30
C TYR A 321 18.57 -10.55 4.66
N ALA A 322 19.76 -10.25 5.18
CA ALA A 322 20.12 -10.48 6.58
C ALA A 322 20.39 -9.13 7.23
N ILE A 323 19.97 -8.95 8.48
CA ILE A 323 20.29 -7.72 9.20
C ILE A 323 21.79 -7.49 9.19
N GLY A 324 22.19 -6.26 8.87
CA GLY A 324 23.58 -5.88 8.87
C GLY A 324 24.37 -6.16 7.61
N VAL A 325 23.76 -6.84 6.64
CA VAL A 325 24.39 -7.23 5.40
C VAL A 325 23.76 -6.42 4.27
N SER A 326 24.60 -5.81 3.45
CA SER A 326 24.08 -4.91 2.41
CA SER A 326 24.14 -4.90 2.37
C SER A 326 23.48 -5.63 1.21
N HIS A 327 24.21 -6.56 0.61
CA HIS A 327 23.72 -7.23 -0.58
C HIS A 327 22.63 -8.25 -0.23
N PRO A 328 21.63 -8.38 -1.10
CA PRO A 328 20.62 -9.42 -0.94
CA PRO A 328 20.63 -9.40 -0.81
C PRO A 328 21.24 -10.80 -0.81
N LEU A 329 20.63 -11.64 0.00
CA LEU A 329 21.03 -13.04 0.16
CA LEU A 329 21.03 -13.05 0.13
C LEU A 329 20.58 -13.91 -1.02
N SER A 330 19.46 -13.54 -1.63
CA SER A 330 18.89 -14.29 -2.72
C SER A 330 18.08 -13.33 -3.57
N ILE A 331 17.98 -13.67 -4.85
CA ILE A 331 17.11 -12.98 -5.83
C ILE A 331 16.54 -14.10 -6.72
N SER A 332 15.25 -14.03 -6.99
CA SER A 332 14.56 -15.06 -7.79
C SER A 332 13.55 -14.40 -8.70
N ILE A 333 13.40 -14.98 -9.88
CA ILE A 333 12.47 -14.49 -10.92
C ILE A 333 11.57 -15.62 -11.36
N PHE A 334 10.27 -15.37 -11.34
CA PHE A 334 9.25 -16.35 -11.77
C PHE A 334 8.40 -15.66 -12.82
N HIS A 335 8.41 -16.16 -14.05
CA HIS A 335 7.74 -15.45 -15.14
C HIS A 335 6.49 -16.08 -15.67
N TYR A 336 5.99 -17.11 -15.00
CA TYR A 336 4.71 -17.72 -15.32
C TYR A 336 4.65 -18.29 -16.74
N GLY A 337 5.80 -18.51 -17.36
CA GLY A 337 5.85 -18.94 -18.76
C GLY A 337 5.62 -17.84 -19.75
N THR A 338 5.74 -16.58 -19.35
CA THR A 338 5.39 -15.44 -20.20
C THR A 338 6.55 -14.76 -20.89
N SER A 339 7.68 -15.44 -20.98
CA SER A 339 8.86 -14.95 -21.69
C SER A 339 9.40 -16.07 -22.56
N GLN A 340 10.03 -15.70 -23.67
CA GLN A 340 10.86 -16.66 -24.41
C GLN A 340 12.16 -16.96 -23.68
N LYS A 341 12.65 -16.02 -22.86
CA LYS A 341 13.83 -16.23 -22.08
C LYS A 341 13.54 -17.07 -20.86
N SER A 342 14.53 -17.84 -20.44
CA SER A 342 14.40 -18.61 -19.22
C SER A 342 14.40 -17.67 -18.01
N GLU A 343 13.89 -18.19 -16.90
CA GLU A 343 13.98 -17.45 -15.63
C GLU A 343 15.42 -17.20 -15.25
N ARG A 344 16.33 -18.14 -15.52
CA ARG A 344 17.76 -17.94 -15.29
C ARG A 344 18.31 -16.75 -16.08
N GLU A 345 17.93 -16.67 -17.36
CA GLU A 345 18.34 -15.53 -18.17
C GLU A 345 17.79 -14.21 -17.64
N LEU A 346 16.53 -14.18 -17.24
CA LEU A 346 15.96 -12.96 -16.67
C LEU A 346 16.69 -12.57 -15.40
N LEU A 347 17.02 -13.55 -14.55
CA LEU A 347 17.75 -13.25 -13.33
C LEU A 347 19.11 -12.61 -13.65
N GLU A 348 19.81 -13.14 -14.65
CA GLU A 348 21.05 -12.53 -15.06
C GLU A 348 20.90 -11.09 -15.54
N ILE A 349 19.85 -10.81 -16.29
CA ILE A 349 19.56 -9.45 -16.72
C ILE A 349 19.29 -8.57 -15.50
N VAL A 350 18.51 -9.06 -14.55
CA VAL A 350 18.25 -8.28 -13.34
C VAL A 350 19.54 -7.96 -12.59
N LYS A 351 20.41 -8.96 -12.41
CA LYS A 351 21.63 -8.76 -11.65
C LYS A 351 22.58 -7.78 -12.35
N LYS A 352 22.56 -7.75 -13.69
CA LYS A 352 23.39 -6.82 -14.43
C LYS A 352 22.86 -5.40 -14.44
N ASN A 353 21.57 -5.21 -14.20
CA ASN A 353 20.92 -3.92 -14.30
C ASN A 353 20.52 -3.26 -12.98
N PHE A 354 20.46 -4.01 -11.90
CA PHE A 354 20.00 -3.49 -10.62
C PHE A 354 21.00 -3.80 -9.53
N ASP A 355 21.11 -2.89 -8.57
CA ASP A 355 21.91 -3.04 -7.36
C ASP A 355 20.95 -2.84 -6.21
N LEU A 356 20.60 -3.93 -5.54
CA LEU A 356 19.54 -3.93 -4.55
C LEU A 356 20.06 -3.81 -3.11
N ARG A 357 21.27 -3.25 -2.95
CA ARG A 357 21.68 -2.82 -1.64
C ARG A 357 20.78 -1.67 -1.19
N PRO A 358 20.36 -1.62 0.09
CA PRO A 358 19.50 -0.52 0.51
C PRO A 358 20.12 0.86 0.35
N GLY A 359 21.45 0.97 0.51
CA GLY A 359 22.13 2.23 0.33
C GLY A 359 22.31 2.66 -1.10
N VAL A 360 21.94 1.81 -2.05
CA VAL A 360 21.84 2.19 -3.47
C VAL A 360 20.38 2.45 -3.84
N ILE A 361 19.48 1.57 -3.40
CA ILE A 361 18.05 1.77 -3.60
C ILE A 361 17.64 3.18 -3.18
N VAL A 362 18.14 3.64 -2.03
CA VAL A 362 17.75 4.95 -1.54
C VAL A 362 18.01 6.06 -2.54
N ARG A 363 19.15 5.95 -3.24
CA ARG A 363 19.53 6.92 -4.26
C ARG A 363 18.68 6.77 -5.50
N ASP A 364 18.50 5.55 -5.98
CA ASP A 364 17.73 5.33 -7.19
C ASP A 364 16.29 5.71 -7.06
N LEU A 365 15.69 5.49 -5.89
CA LEU A 365 14.27 5.70 -5.68
C LEU A 365 13.95 6.93 -4.82
N ASP A 366 14.99 7.69 -4.48
CA ASP A 366 14.84 8.97 -3.75
C ASP A 366 14.11 8.81 -2.42
N LEU A 367 14.54 7.82 -1.64
CA LEU A 367 13.73 7.37 -0.50
C LEU A 367 13.90 8.17 0.78
N LYS A 368 14.68 9.25 0.76
CA LYS A 368 14.67 10.20 1.86
C LYS A 368 13.62 11.29 1.65
N LYS A 369 12.95 11.32 0.50
CA LYS A 369 11.95 12.35 0.25
C LYS A 369 10.67 12.09 1.03
N PRO A 370 10.09 13.12 1.66
CA PRO A 370 8.90 12.95 2.52
C PRO A 370 7.60 12.85 1.74
N ILE A 371 7.46 11.80 0.94
CA ILE A 371 6.25 11.53 0.15
C ILE A 371 5.47 10.34 0.65
N TYR A 372 5.83 9.83 1.81
CA TYR A 372 5.30 8.55 2.23
C TYR A 372 3.82 8.57 2.61
N GLN A 373 3.31 9.65 3.19
CA GLN A 373 1.89 9.67 3.53
C GLN A 373 1.05 9.48 2.28
N ARG A 374 1.51 9.95 1.13
CA ARG A 374 0.81 9.74 -0.13
C ARG A 374 0.71 8.30 -0.56
N THR A 375 1.59 7.43 -0.09
CA THR A 375 1.56 6.02 -0.44
C THR A 375 0.61 5.20 0.41
N ALA A 376 0.14 5.74 1.53
CA ALA A 376 -0.45 4.97 2.63
C ALA A 376 -1.95 4.71 2.50
N ALA A 377 -2.56 5.14 1.40
CA ALA A 377 -3.92 4.70 1.02
C ALA A 377 -3.93 4.48 -0.48
N TYR A 378 -4.80 3.56 -0.92
CA TYR A 378 -5.04 3.24 -2.31
C TYR A 378 -3.89 2.49 -2.98
N GLY A 379 -3.04 1.86 -2.18
CA GLY A 379 -1.98 1.01 -2.69
C GLY A 379 -0.69 1.78 -2.91
N HIS A 380 0.44 1.13 -2.73
CA HIS A 380 1.74 1.78 -2.91
C HIS A 380 2.21 1.75 -4.37
N PHE A 381 1.58 0.93 -5.18
CA PHE A 381 2.00 0.62 -6.54
C PHE A 381 0.93 0.98 -7.55
N GLY A 382 1.34 1.20 -8.77
CA GLY A 382 0.47 1.42 -9.88
C GLY A 382 -0.11 2.81 -10.00
N ARG A 383 0.43 3.77 -9.26
CA ARG A 383 -0.13 5.14 -9.15
C ARG A 383 0.97 6.19 -9.16
N ASP A 384 0.66 7.33 -9.78
CA ASP A 384 1.32 8.61 -9.60
CA ASP A 384 1.37 8.60 -9.50
C ASP A 384 2.78 8.74 -10.00
N SER A 385 3.26 7.77 -10.74
CA SER A 385 4.60 7.83 -11.29
C SER A 385 5.67 8.11 -10.22
N PHE A 386 5.52 7.47 -9.05
CA PHE A 386 6.58 7.40 -8.04
C PHE A 386 7.81 6.78 -8.69
N PRO A 387 9.01 6.94 -8.10
CA PRO A 387 10.20 6.46 -8.79
C PRO A 387 10.18 4.96 -9.12
N TRP A 388 9.57 4.14 -8.25
CA TRP A 388 9.50 2.70 -8.47
C TRP A 388 8.51 2.31 -9.56
N GLU A 389 7.74 3.27 -10.05
CA GLU A 389 6.80 3.07 -11.15
C GLU A 389 7.35 3.53 -12.50
N VAL A 390 8.53 4.13 -12.51
CA VAL A 390 9.15 4.61 -13.75
C VAL A 390 10.15 3.53 -14.18
N PRO A 391 9.87 2.78 -15.26
CA PRO A 391 10.72 1.63 -15.51
CA PRO A 391 10.73 1.64 -15.57
C PRO A 391 12.17 2.03 -15.83
N LYS A 392 13.09 1.18 -15.44
CA LYS A 392 14.48 1.29 -15.84
CA LYS A 392 14.48 1.31 -15.84
C LYS A 392 14.68 0.69 -17.22
N LYS A 393 15.38 1.40 -18.10
CA LYS A 393 15.78 0.85 -19.39
C LYS A 393 16.86 -0.19 -19.20
N LEU A 394 16.60 -1.40 -19.65
CA LEU A 394 17.48 -2.53 -19.37
C LEU A 394 18.46 -2.76 -20.51
N LYS A 395 19.68 -3.08 -20.13
CA LYS A 395 20.74 -3.44 -21.06
C LYS A 395 20.93 -4.95 -21.03
N TYR A 396 20.94 -5.59 -22.20
CA TYR A 396 21.09 -7.04 -22.34
C TYR A 396 21.32 -7.40 -23.79
#